data_4ARU
#
_entry.id   4ARU
#
_cell.length_a   101.055
_cell.length_b   101.399
_cell.length_c   84.946
_cell.angle_alpha   90.00
_cell.angle_beta   90.00
_cell.angle_gamma   90.00
#
_symmetry.space_group_name_H-M   'C 2 2 21'
#
loop_
_entity.id
_entity.type
_entity.pdbx_description
1 polymer 'HISTIDINE ACID PHOSPHATASE'
2 non-polymer 'L(+)-TARTARIC ACID'
3 non-polymer 'SODIUM ION'
4 non-polymer 'POTASSIUM ION'
5 non-polymer 'CHLORIDE ION'
6 water water
#
_entity_poly.entity_id   1
_entity_poly.type   'polypeptide(L)'
_entity_poly.pdbx_seq_one_letter_code
;SDTAPAGFQLERVVILSRHGVRAPTKMTQTMRDVTPHQWPEWPVKLGYITPRGEHLISLMGGFYRERFQQQGLLPKDNCP
TPDAVYVWADVDQRTRKTGEAFLAGLAPQCDLAIHHQQNTQQADPLFHPVKAGICSMDKSQVHAAVEKQAGTPIETLNQR
YQASLALMSSVLDFPKSPYCQQHNIGKLCDFSQAMPSRLAINDDGNKVALEGAVGLASTLAEIFLLEHAQGMPKVAWGNI
HTEQQWNSLLKLHNAQFDLMSRTPYIAKHNGTPLLQTIAHALGSNITSRPLPDISPDNKILFIAGHDTNIANISGMLGMT
WTLPGQPDNTPPGGALVFERWVDNAGKPYVSVNMVYQTLAQLHDQAPLTLQHPAGSVRLNIPGCSDQTPDGYCPLSTFSR
LVSHSVEPACQLP
;
_entity_poly.pdbx_strand_id   A
#
# COMPACT_ATOMS: atom_id res chain seq x y z
N ALA A 4 -13.74 -2.28 -22.20
CA ALA A 4 -14.83 -1.41 -21.68
C ALA A 4 -16.05 -1.45 -22.60
N PRO A 5 -17.25 -1.10 -22.09
CA PRO A 5 -18.44 -1.08 -22.90
C PRO A 5 -18.40 -0.08 -24.05
N ALA A 6 -19.14 -0.39 -25.10
CA ALA A 6 -19.23 0.49 -26.27
C ALA A 6 -19.49 1.89 -25.82
N GLY A 7 -18.71 2.83 -26.36
CA GLY A 7 -18.99 4.24 -26.06
C GLY A 7 -18.27 4.79 -24.82
N PHE A 8 -17.76 3.91 -23.98
CA PHE A 8 -17.06 4.37 -22.78
C PHE A 8 -15.71 4.96 -23.16
N GLN A 9 -15.34 6.00 -22.45
CA GLN A 9 -14.05 6.70 -22.66
C GLN A 9 -13.34 6.87 -21.35
N LEU A 10 -12.05 6.54 -21.30
CA LEU A 10 -11.24 6.76 -20.11
C LEU A 10 -10.70 8.19 -20.11
N GLU A 11 -11.16 9.03 -19.17
CA GLU A 11 -10.78 10.46 -19.17
C GLU A 11 -9.53 10.74 -18.33
N ARG A 12 -9.32 10.02 -17.24
CA ARG A 12 -8.11 10.14 -16.46
C ARG A 12 -8.03 9.14 -15.38
N VAL A 13 -6.84 9.03 -14.80
CA VAL A 13 -6.51 8.01 -13.82
CA VAL A 13 -6.57 8.04 -13.76
C VAL A 13 -5.80 8.65 -12.63
N VAL A 14 -6.02 8.09 -11.46
CA VAL A 14 -5.27 8.42 -10.26
C VAL A 14 -4.77 7.11 -9.68
N ILE A 15 -3.47 6.99 -9.51
CA ILE A 15 -2.83 5.81 -9.05
C ILE A 15 -2.21 6.06 -7.69
N LEU A 16 -2.62 5.31 -6.68
CA LEU A 16 -2.02 5.39 -5.34
C LEU A 16 -1.20 4.13 -5.19
N SER A 17 0.11 4.29 -5.32
CA SER A 17 1.04 3.20 -5.38
C SER A 17 1.85 3.06 -4.13
N ARG A 18 2.08 1.83 -3.67
CA ARG A 18 3.15 1.62 -2.69
C ARG A 18 4.47 1.78 -3.39
N HIS A 19 5.48 2.24 -2.66
CA HIS A 19 6.84 2.20 -3.18
C HIS A 19 7.32 0.80 -3.49
N GLY A 20 8.44 0.73 -4.18
CA GLY A 20 9.04 -0.51 -4.53
C GLY A 20 9.79 -1.25 -3.43
N VAL A 21 10.39 -2.36 -3.81
CA VAL A 21 11.14 -3.24 -2.90
C VAL A 21 12.20 -2.42 -2.20
N ARG A 22 12.18 -2.50 -0.87
CA ARG A 22 13.11 -1.81 -0.01
C ARG A 22 13.75 -2.74 0.97
N ALA A 23 14.87 -2.30 1.52
CA ALA A 23 15.45 -2.92 2.69
C ALA A 23 14.50 -2.72 3.89
N PRO A 24 14.64 -3.55 4.91
CA PRO A 24 13.89 -3.34 6.13
C PRO A 24 14.03 -1.91 6.64
N THR A 25 12.96 -1.33 7.17
CA THR A 25 12.97 0.04 7.67
CA THR A 25 13.05 0.06 7.64
C THR A 25 13.84 0.11 8.93
N LYS A 26 13.75 -0.93 9.72
CA LYS A 26 14.64 -1.07 10.88
C LYS A 26 14.87 -2.54 11.15
N MET A 27 15.99 -2.80 11.82
CA MET A 27 16.27 -4.13 12.32
CA MET A 27 16.27 -4.12 12.32
C MET A 27 16.54 -3.99 13.81
N THR A 28 15.52 -4.29 14.59
CA THR A 28 15.60 -4.10 16.01
C THR A 28 16.33 -5.26 16.69
N GLN A 29 16.68 -5.08 17.94
CA GLN A 29 17.38 -6.12 18.66
C GLN A 29 16.43 -7.31 18.88
N THR A 30 15.15 -7.06 19.08
CA THR A 30 14.21 -8.16 19.22
C THR A 30 14.18 -8.97 17.94
N MET A 31 14.14 -8.31 16.79
CA MET A 31 14.13 -9.00 15.51
C MET A 31 15.38 -9.88 15.34
N ARG A 32 16.54 -9.40 15.78
N ARG A 32 16.56 -9.42 15.79
CA ARG A 32 17.73 -10.22 15.76
CA ARG A 32 17.78 -10.24 15.77
C ARG A 32 17.60 -11.39 16.71
C ARG A 32 17.74 -11.38 16.79
N ASP A 33 17.12 -11.11 17.92
CA ASP A 33 17.15 -12.10 19.02
C ASP A 33 16.18 -13.26 18.83
N VAL A 34 15.14 -13.11 18.01
CA VAL A 34 14.11 -14.19 17.93
C VAL A 34 14.51 -15.30 16.95
N THR A 35 15.71 -15.21 16.41
CA THR A 35 16.27 -16.28 15.58
C THR A 35 17.75 -16.48 15.87
N PRO A 36 18.22 -17.74 15.90
CA PRO A 36 19.67 -17.96 15.98
C PRO A 36 20.40 -17.64 14.69
N HIS A 37 19.64 -17.46 13.61
CA HIS A 37 20.26 -17.24 12.30
C HIS A 37 20.59 -15.80 12.13
N GLN A 38 21.43 -15.47 11.17
CA GLN A 38 21.81 -14.08 10.94
C GLN A 38 20.98 -13.54 9.80
N TRP A 39 20.38 -12.37 10.01
CA TRP A 39 19.68 -11.72 8.96
C TRP A 39 20.63 -11.28 7.81
N PRO A 40 20.19 -11.48 6.57
CA PRO A 40 21.10 -11.18 5.45
C PRO A 40 21.29 -9.66 5.29
N GLU A 41 22.46 -9.25 4.85
CA GLU A 41 22.72 -7.83 4.62
C GLU A 41 22.12 -7.40 3.30
N TRP A 42 21.41 -6.25 3.32
CA TRP A 42 20.85 -5.64 2.11
C TRP A 42 21.88 -4.72 1.46
N PRO A 43 21.71 -4.44 0.16
CA PRO A 43 22.73 -3.69 -0.57
C PRO A 43 22.53 -2.17 -0.54
N VAL A 44 21.61 -1.71 0.31
CA VAL A 44 21.35 -0.30 0.50
C VAL A 44 21.06 -0.09 1.97
N LYS A 45 21.07 1.17 2.34
CA LYS A 45 20.70 1.60 3.67
C LYS A 45 19.33 1.11 4.05
N LEU A 46 19.14 0.84 5.34
CA LEU A 46 17.85 0.47 5.80
C LEU A 46 16.79 1.45 5.37
N GLY A 47 15.65 0.94 4.91
CA GLY A 47 14.58 1.74 4.43
C GLY A 47 14.68 2.30 3.02
N TYR A 48 15.82 2.13 2.38
CA TYR A 48 15.93 2.61 1.00
C TYR A 48 15.33 1.61 0.02
N ILE A 49 14.79 2.11 -1.08
CA ILE A 49 14.47 1.25 -2.21
C ILE A 49 15.78 0.75 -2.80
N THR A 50 15.83 -0.49 -3.25
CA THR A 50 17.03 -1.04 -3.92
C THR A 50 16.99 -0.79 -5.42
N PRO A 51 18.15 -0.89 -6.08
CA PRO A 51 18.12 -0.72 -7.55
C PRO A 51 17.19 -1.74 -8.22
N ARG A 52 17.12 -2.95 -7.68
CA ARG A 52 16.17 -3.91 -8.22
C ARG A 52 14.73 -3.44 -8.00
N GLY A 53 14.42 -2.89 -6.83
CA GLY A 53 13.12 -2.32 -6.56
C GLY A 53 12.76 -1.25 -7.58
N GLU A 54 13.74 -0.39 -7.88
CA GLU A 54 13.51 0.62 -8.91
C GLU A 54 13.20 0.01 -10.24
N HIS A 55 13.97 -0.99 -10.63
CA HIS A 55 13.73 -1.71 -11.90
C HIS A 55 12.32 -2.28 -11.95
N LEU A 56 11.93 -2.92 -10.87
CA LEU A 56 10.61 -3.52 -10.78
C LEU A 56 9.52 -2.49 -10.89
N ILE A 57 9.67 -1.30 -10.30
CA ILE A 57 8.72 -0.22 -10.49
C ILE A 57 8.70 0.23 -11.93
N SER A 58 9.87 0.35 -12.57
CA SER A 58 9.88 0.74 -13.98
CA SER A 58 9.88 0.73 -13.98
C SER A 58 9.14 -0.27 -14.86
N LEU A 59 9.19 -1.56 -14.49
CA LEU A 59 8.45 -2.58 -15.27
C LEU A 59 6.94 -2.27 -15.13
N MET A 60 6.47 -1.93 -13.95
CA MET A 60 5.08 -1.48 -13.76
CA MET A 60 5.09 -1.52 -13.78
C MET A 60 4.77 -0.23 -14.58
N GLY A 61 5.68 0.74 -14.59
CA GLY A 61 5.50 1.95 -15.44
C GLY A 61 5.27 1.57 -16.89
N GLY A 62 6.07 0.66 -17.41
CA GLY A 62 5.93 0.14 -18.79
C GLY A 62 4.58 -0.51 -19.00
N PHE A 63 4.10 -1.24 -18.01
CA PHE A 63 2.79 -1.87 -18.13
C PHE A 63 1.70 -0.81 -18.18
N TYR A 64 1.79 0.16 -17.28
CA TYR A 64 0.84 1.26 -17.27
C TYR A 64 0.84 2.01 -18.61
N ARG A 65 2.02 2.21 -19.18
CA ARG A 65 2.10 2.83 -20.50
C ARG A 65 1.29 2.06 -21.53
N GLU A 66 1.47 0.73 -21.58
CA GLU A 66 0.77 -0.08 -22.56
C GLU A 66 -0.73 -0.03 -22.30
N ARG A 67 -1.16 -0.11 -21.04
CA ARG A 67 -2.59 -0.16 -20.72
C ARG A 67 -3.21 1.19 -21.10
N PHE A 68 -2.59 2.28 -20.70
CA PHE A 68 -3.21 3.57 -20.93
C PHE A 68 -3.16 4.01 -22.40
N GLN A 69 -2.13 3.61 -23.15
CA GLN A 69 -2.10 3.83 -24.59
CA GLN A 69 -2.15 3.93 -24.55
C GLN A 69 -3.23 3.11 -25.27
N GLN A 70 -3.46 1.88 -24.86
CA GLN A 70 -4.52 1.09 -25.49
C GLN A 70 -5.88 1.74 -25.27
N GLN A 71 -6.04 2.43 -24.13
CA GLN A 71 -7.29 3.08 -23.75
C GLN A 71 -7.35 4.54 -24.25
N GLY A 72 -6.37 4.95 -25.03
CA GLY A 72 -6.39 6.27 -25.66
C GLY A 72 -6.00 7.44 -24.78
N LEU A 73 -5.56 7.12 -23.57
CA LEU A 73 -5.25 8.13 -22.58
C LEU A 73 -3.85 8.72 -22.82
N LEU A 74 -2.87 7.92 -23.23
CA LEU A 74 -1.51 8.36 -23.61
C LEU A 74 -1.18 8.04 -25.08
N PRO A 75 -0.13 8.69 -25.68
CA PRO A 75 0.22 8.47 -27.09
C PRO A 75 0.85 7.11 -27.31
N LYS A 76 0.66 6.56 -28.52
CA LYS A 76 1.09 5.17 -28.74
C LYS A 76 2.62 5.08 -28.89
N ASP A 77 3.24 6.19 -29.29
CA ASP A 77 4.70 6.25 -29.34
C ASP A 77 5.22 7.59 -28.82
N ASN A 78 6.44 7.61 -28.34
N ASN A 78 6.46 7.55 -28.32
CA ASN A 78 7.07 8.88 -27.99
CA ASN A 78 7.22 8.71 -27.85
C ASN A 78 6.34 9.59 -26.82
C ASN A 78 6.58 9.38 -26.62
N CYS A 79 7.01 10.60 -26.29
CA CYS A 79 6.71 11.16 -24.98
C CYS A 79 5.33 11.74 -24.76
N PRO A 80 4.75 11.46 -23.59
CA PRO A 80 3.56 12.19 -23.22
C PRO A 80 3.90 13.68 -23.20
N THR A 81 2.91 14.51 -23.47
CA THR A 81 3.06 15.95 -23.21
C THR A 81 3.23 16.09 -21.68
N PRO A 82 4.11 16.97 -21.21
CA PRO A 82 4.32 16.91 -19.73
C PRO A 82 3.13 17.25 -18.83
N ASP A 83 2.19 18.06 -19.29
CA ASP A 83 0.94 18.35 -18.57
C ASP A 83 0.11 17.08 -18.29
N ALA A 84 0.29 16.06 -19.08
CA ALA A 84 -0.53 14.84 -18.98
C ALA A 84 -0.20 13.98 -17.78
N VAL A 85 1.04 14.01 -17.32
CA VAL A 85 1.52 13.11 -16.30
C VAL A 85 2.11 13.87 -15.12
N TYR A 86 1.70 13.52 -13.92
CA TYR A 86 2.14 14.17 -12.71
C TYR A 86 2.37 13.17 -11.63
N VAL A 87 3.52 13.26 -10.96
CA VAL A 87 3.87 12.45 -9.82
C VAL A 87 3.98 13.29 -8.55
N TRP A 88 3.27 12.88 -7.52
CA TRP A 88 3.46 13.38 -6.16
C TRP A 88 3.99 12.24 -5.29
N ALA A 89 5.22 12.37 -4.81
CA ALA A 89 5.81 11.35 -3.96
C ALA A 89 5.94 11.85 -2.55
N ASP A 90 5.84 10.92 -1.59
CA ASP A 90 6.18 11.25 -0.22
C ASP A 90 7.67 11.55 -0.13
N VAL A 91 8.06 12.07 1.02
CA VAL A 91 9.37 12.63 1.24
C VAL A 91 10.53 11.63 1.25
N ASP A 92 10.22 10.35 1.51
CA ASP A 92 11.28 9.37 1.72
C ASP A 92 12.02 9.05 0.42
N GLN A 93 13.26 8.62 0.56
CA GLN A 93 14.01 8.16 -0.57
C GLN A 93 13.21 7.10 -1.34
N ARG A 94 12.61 6.16 -0.61
CA ARG A 94 11.97 5.01 -1.27
C ARG A 94 10.81 5.46 -2.14
N THR A 95 10.06 6.47 -1.70
CA THR A 95 8.90 6.95 -2.44
C THR A 95 9.34 7.91 -3.57
N ARG A 96 10.30 8.81 -3.33
CA ARG A 96 10.78 9.65 -4.39
C ARG A 96 11.36 8.80 -5.52
N LYS A 97 12.18 7.80 -5.20
CA LYS A 97 12.78 7.01 -6.23
C LYS A 97 11.75 6.12 -6.93
N THR A 98 10.72 5.71 -6.22
CA THR A 98 9.63 5.02 -6.91
C THR A 98 8.98 5.92 -7.97
N GLY A 99 8.69 7.18 -7.60
CA GLY A 99 8.12 8.09 -8.57
C GLY A 99 9.00 8.23 -9.78
N GLU A 100 10.31 8.40 -9.57
CA GLU A 100 11.26 8.50 -10.71
C GLU A 100 11.30 7.22 -11.58
N ALA A 101 11.22 6.05 -10.95
CA ALA A 101 11.25 4.80 -11.66
C ALA A 101 9.96 4.59 -12.46
N PHE A 102 8.84 5.05 -11.90
CA PHE A 102 7.57 5.02 -12.64
C PHE A 102 7.66 5.84 -13.90
N LEU A 103 8.20 7.06 -13.81
CA LEU A 103 8.35 7.91 -15.00
C LEU A 103 9.30 7.24 -16.01
N ALA A 104 10.38 6.59 -15.54
CA ALA A 104 11.34 5.96 -16.45
C ALA A 104 10.70 4.80 -17.22
N GLY A 105 9.73 4.08 -16.60
CA GLY A 105 9.04 2.99 -17.27
C GLY A 105 7.89 3.47 -18.15
N LEU A 106 7.16 4.44 -17.64
CA LEU A 106 6.03 5.03 -18.37
C LEU A 106 6.44 5.75 -19.60
N ALA A 107 7.58 6.45 -19.53
CA ALA A 107 8.00 7.40 -20.57
C ALA A 107 9.52 7.46 -20.62
N PRO A 108 10.13 6.37 -21.13
CA PRO A 108 11.56 6.29 -21.09
C PRO A 108 12.22 7.43 -21.84
N GLN A 109 13.23 8.03 -21.22
CA GLN A 109 13.99 9.10 -21.85
C GLN A 109 13.13 10.33 -22.19
N CYS A 110 12.01 10.48 -21.49
CA CYS A 110 11.24 11.68 -21.59
C CYS A 110 11.66 12.56 -20.42
N ASP A 111 11.70 13.85 -20.63
CA ASP A 111 12.25 14.71 -19.58
CA ASP A 111 12.21 14.79 -19.63
C ASP A 111 11.14 15.13 -18.62
N LEU A 112 10.86 14.22 -17.70
CA LEU A 112 9.82 14.41 -16.70
C LEU A 112 10.47 14.29 -15.34
N ALA A 113 9.89 14.96 -14.35
CA ALA A 113 10.43 14.95 -13.00
C ALA A 113 9.28 14.86 -12.05
N ILE A 114 9.55 14.30 -10.89
CA ILE A 114 8.53 14.21 -9.84
C ILE A 114 8.36 15.50 -9.06
N HIS A 115 7.26 15.55 -8.32
CA HIS A 115 7.04 16.55 -7.33
C HIS A 115 6.97 15.93 -5.95
N HIS A 116 7.38 16.71 -4.95
CA HIS A 116 7.31 16.32 -3.54
C HIS A 116 7.44 17.51 -2.63
N GLN A 117 7.12 17.30 -1.36
CA GLN A 117 7.19 18.38 -0.42
C GLN A 117 8.61 18.92 -0.38
N GLN A 118 8.75 20.24 -0.31
CA GLN A 118 10.09 20.84 -0.28
C GLN A 118 10.99 20.35 0.84
N ASN A 119 10.45 20.40 2.05
CA ASN A 119 11.18 19.95 3.21
C ASN A 119 11.00 18.45 3.44
N THR A 120 12.00 17.64 3.10
CA THR A 120 11.91 16.21 3.24
C THR A 120 12.19 15.66 4.63
N GLN A 121 12.54 16.53 5.58
CA GLN A 121 12.88 16.15 6.95
CA GLN A 121 12.82 16.02 6.95
C GLN A 121 11.63 16.23 7.86
N GLN A 122 10.50 16.61 7.30
CA GLN A 122 9.25 16.72 8.05
C GLN A 122 8.23 15.90 7.29
N ALA A 123 7.23 15.39 8.00
CA ALA A 123 6.12 14.68 7.40
C ALA A 123 5.39 15.53 6.37
N ASP A 124 4.92 14.85 5.32
CA ASP A 124 4.01 15.41 4.34
C ASP A 124 2.60 15.09 4.84
N PRO A 125 1.83 16.14 5.18
CA PRO A 125 0.49 15.87 5.74
C PRO A 125 -0.48 15.19 4.80
N LEU A 126 -0.16 15.11 3.51
CA LEU A 126 -0.98 14.33 2.61
C LEU A 126 -0.88 12.84 2.93
N PHE A 127 0.31 12.40 3.32
CA PHE A 127 0.57 11.00 3.61
C PHE A 127 0.43 10.65 5.09
N HIS A 128 0.78 11.60 5.96
CA HIS A 128 0.86 11.39 7.39
C HIS A 128 0.29 12.60 8.15
N PRO A 129 -1.04 12.80 8.03
CA PRO A 129 -1.66 13.97 8.64
C PRO A 129 -1.57 13.97 10.17
N VAL A 130 -1.62 12.79 10.75
CA VAL A 130 -1.54 12.70 12.22
C VAL A 130 -0.11 13.09 12.70
N LYS A 131 0.90 12.49 12.09
CA LYS A 131 2.29 12.85 12.46
C LYS A 131 2.57 14.33 12.16
N ALA A 132 2.00 14.85 11.06
CA ALA A 132 2.14 16.26 10.67
C ALA A 132 1.41 17.27 11.58
N GLY A 133 0.51 16.74 12.42
CA GLY A 133 -0.22 17.58 13.36
C GLY A 133 -1.53 18.19 12.86
N ILE A 134 -2.08 17.63 11.77
CA ILE A 134 -3.31 18.15 11.18
C ILE A 134 -4.49 17.82 12.10
N CYS A 135 -4.47 16.59 12.62
CA CYS A 135 -5.51 16.14 13.49
C CYS A 135 -4.97 15.06 14.42
N SER A 136 -5.73 14.75 15.46
CA SER A 136 -5.27 13.77 16.43
C SER A 136 -6.37 12.76 16.71
N MET A 137 -5.98 11.59 17.16
CA MET A 137 -6.94 10.55 17.53
C MET A 137 -7.08 10.53 19.05
N ASP A 138 -8.24 10.06 19.49
CA ASP A 138 -8.53 9.91 20.91
CA ASP A 138 -8.56 9.90 20.91
C ASP A 138 -8.15 8.48 21.29
N LYS A 139 -7.26 8.34 22.28
CA LYS A 139 -6.67 7.06 22.65
CA LYS A 139 -6.66 7.05 22.65
C LYS A 139 -7.74 6.03 23.01
N SER A 140 -8.73 6.44 23.82
CA SER A 140 -9.78 5.47 24.18
C SER A 140 -10.54 4.98 22.92
N GLN A 141 -10.78 5.90 21.99
CA GLN A 141 -11.48 5.54 20.78
C GLN A 141 -10.66 4.59 19.88
N VAL A 142 -9.34 4.80 19.83
CA VAL A 142 -8.49 3.88 19.11
C VAL A 142 -8.61 2.47 19.67
N HIS A 143 -8.46 2.35 20.98
CA HIS A 143 -8.52 1.02 21.60
C HIS A 143 -9.87 0.33 21.26
N ALA A 144 -10.97 1.09 21.37
CA ALA A 144 -12.29 0.53 21.12
C ALA A 144 -12.48 0.19 19.66
N ALA A 145 -11.97 1.03 18.77
CA ALA A 145 -12.14 0.79 17.34
C ALA A 145 -11.36 -0.45 16.87
N VAL A 146 -10.14 -0.63 17.38
CA VAL A 146 -9.33 -1.78 17.02
C VAL A 146 -9.99 -3.06 17.55
N GLU A 147 -10.53 -3.01 18.76
CA GLU A 147 -11.23 -4.19 19.29
C GLU A 147 -12.44 -4.52 18.42
N LYS A 148 -13.16 -3.51 17.98
CA LYS A 148 -14.31 -3.71 17.10
C LYS A 148 -13.89 -4.37 15.79
N GLN A 149 -12.81 -3.89 15.22
CA GLN A 149 -12.33 -4.44 13.96
C GLN A 149 -11.92 -5.90 14.16
N ALA A 150 -11.24 -6.21 15.26
CA ALA A 150 -10.78 -7.58 15.53
C ALA A 150 -11.96 -8.49 15.89
N GLY A 151 -13.02 -7.95 16.47
CA GLY A 151 -14.17 -8.76 16.91
C GLY A 151 -13.96 -9.46 18.21
N THR A 152 -12.86 -9.15 18.91
CA THR A 152 -12.47 -9.83 20.15
C THR A 152 -11.47 -8.92 20.87
N PRO A 153 -11.35 -9.03 22.20
CA PRO A 153 -10.32 -8.25 22.87
C PRO A 153 -8.95 -8.52 22.28
N ILE A 154 -8.19 -7.47 22.06
CA ILE A 154 -6.91 -7.59 21.35
CA ILE A 154 -6.96 -7.57 21.35
C ILE A 154 -5.92 -8.45 22.09
N GLU A 155 -6.01 -8.48 23.43
CA GLU A 155 -5.12 -9.29 24.27
CA GLU A 155 -5.08 -9.30 24.22
C GLU A 155 -5.21 -10.79 23.91
N THR A 156 -6.30 -11.16 23.25
CA THR A 156 -6.54 -12.57 22.86
C THR A 156 -6.21 -12.88 21.41
N LEU A 157 -5.69 -11.90 20.69
CA LEU A 157 -5.52 -12.04 19.23
C LEU A 157 -4.66 -13.22 18.82
N ASN A 158 -3.61 -13.57 19.58
CA ASN A 158 -2.74 -14.65 19.14
C ASN A 158 -3.53 -15.96 18.98
N GLN A 159 -4.58 -16.12 19.76
CA GLN A 159 -5.36 -17.36 19.72
C GLN A 159 -6.06 -17.60 18.38
N ARG A 160 -6.21 -16.54 17.59
CA ARG A 160 -6.83 -16.60 16.28
C ARG A 160 -5.85 -17.15 15.24
N TYR A 161 -4.56 -17.10 15.54
CA TYR A 161 -3.51 -17.37 14.57
C TYR A 161 -2.50 -18.40 15.03
N GLN A 162 -2.94 -19.44 15.72
CA GLN A 162 -2.03 -20.40 16.27
C GLN A 162 -1.17 -21.11 15.23
N ALA A 163 -1.75 -21.56 14.13
CA ALA A 163 -0.95 -22.25 13.11
C ALA A 163 0.10 -21.36 12.44
N SER A 164 -0.28 -20.14 12.11
CA SER A 164 0.60 -19.19 11.46
CA SER A 164 0.65 -19.25 11.43
C SER A 164 1.74 -18.78 12.39
N LEU A 165 1.41 -18.57 13.66
CA LEU A 165 2.47 -18.21 14.63
C LEU A 165 3.42 -19.38 14.84
N ALA A 166 2.89 -20.60 14.84
CA ALA A 166 3.74 -21.78 14.97
C ALA A 166 4.66 -21.94 13.76
N LEU A 167 4.12 -21.63 12.58
CA LEU A 167 4.96 -21.66 11.37
C LEU A 167 6.06 -20.61 11.44
N MET A 168 5.70 -19.42 11.87
CA MET A 168 6.72 -18.35 11.99
C MET A 168 7.82 -18.85 12.95
N SER A 169 7.42 -19.39 14.09
CA SER A 169 8.40 -19.96 15.04
C SER A 169 9.36 -20.95 14.40
N SER A 170 8.84 -21.85 13.57
CA SER A 170 9.65 -22.87 12.94
CA SER A 170 9.62 -22.85 12.90
C SER A 170 10.59 -22.26 11.89
N VAL A 171 10.10 -21.30 11.12
CA VAL A 171 10.92 -20.62 10.10
C VAL A 171 12.10 -19.88 10.76
N LEU A 172 11.84 -19.24 11.90
CA LEU A 172 12.87 -18.58 12.68
C LEU A 172 13.77 -19.53 13.43
N ASP A 173 13.37 -20.78 13.67
CA ASP A 173 14.01 -21.59 14.73
C ASP A 173 14.02 -20.87 16.06
N PHE A 174 12.87 -20.23 16.35
CA PHE A 174 12.70 -19.44 17.57
C PHE A 174 13.12 -20.16 18.85
N PRO A 175 12.77 -21.44 19.01
CA PRO A 175 13.10 -22.08 20.28
C PRO A 175 14.61 -22.15 20.56
N LYS A 176 15.41 -22.09 19.49
CA LYS A 176 16.87 -22.09 19.63
C LYS A 176 17.48 -20.70 19.63
N SER A 177 16.65 -19.67 19.76
CA SER A 177 17.08 -18.30 19.57
C SER A 177 17.62 -17.72 20.88
N PRO A 178 18.42 -16.65 20.77
CA PRO A 178 18.86 -15.99 22.01
C PRO A 178 17.71 -15.49 22.85
N TYR A 179 16.64 -15.08 22.20
CA TYR A 179 15.44 -14.68 22.93
C TYR A 179 15.02 -15.74 23.93
N CYS A 180 15.01 -17.00 23.51
CA CYS A 180 14.60 -18.10 24.38
C CYS A 180 15.69 -18.49 25.35
N GLN A 181 16.95 -18.22 25.02
CA GLN A 181 18.05 -18.36 26.01
C GLN A 181 18.00 -17.30 27.11
N GLN A 182 17.31 -16.16 26.88
CA GLN A 182 17.18 -15.04 27.84
C GLN A 182 15.81 -14.94 28.53
N HIS A 183 14.78 -15.46 27.87
CA HIS A 183 13.38 -15.39 28.31
C HIS A 183 12.82 -16.80 28.46
N CYS A 189 9.63 -22.28 25.82
CA CYS A 189 9.64 -20.98 25.15
C CYS A 189 8.83 -21.11 23.86
N ASP A 190 7.58 -20.66 23.93
CA ASP A 190 6.62 -20.75 22.81
C ASP A 190 6.38 -19.34 22.28
N PHE A 191 6.47 -19.15 20.97
CA PHE A 191 6.45 -17.84 20.35
C PHE A 191 5.18 -17.10 20.74
N SER A 192 4.04 -17.74 20.59
CA SER A 192 2.75 -17.11 20.94
C SER A 192 2.63 -16.79 22.45
N GLN A 193 2.96 -17.75 23.31
CA GLN A 193 2.84 -17.58 24.76
C GLN A 193 3.78 -16.49 25.26
N ALA A 194 4.98 -16.46 24.70
CA ALA A 194 6.00 -15.49 25.10
C ALA A 194 5.62 -14.04 24.80
N MET A 195 4.81 -13.84 23.76
CA MET A 195 4.53 -12.51 23.22
C MET A 195 3.04 -12.32 22.97
N PRO A 196 2.28 -12.20 24.07
CA PRO A 196 0.86 -11.88 23.90
C PRO A 196 0.61 -10.59 23.15
N SER A 197 -0.46 -10.53 22.36
CA SER A 197 -0.82 -9.28 21.69
C SER A 197 -1.26 -8.21 22.67
N ARG A 198 -0.91 -6.96 22.38
CA ARG A 198 -1.56 -5.84 23.02
C ARG A 198 -1.43 -4.62 22.14
N LEU A 199 -2.31 -3.68 22.32
CA LEU A 199 -2.27 -2.45 21.60
C LEU A 199 -1.58 -1.39 22.48
N ALA A 200 -0.50 -0.78 21.97
CA ALA A 200 0.28 0.22 22.67
C ALA A 200 0.13 1.56 22.01
N ILE A 201 -0.16 2.60 22.78
CA ILE A 201 -0.32 3.94 22.26
C ILE A 201 0.49 4.91 23.09
N ASN A 202 1.09 5.91 22.46
CA ASN A 202 1.81 6.97 23.19
C ASN A 202 0.84 7.95 23.84
N ASP A 203 1.37 8.90 24.58
CA ASP A 203 0.50 9.74 25.40
C ASP A 203 -0.44 10.60 24.54
N ASP A 204 0.05 11.11 23.42
CA ASP A 204 -0.71 12.01 22.55
C ASP A 204 -1.78 11.25 21.74
N GLY A 205 -1.56 9.96 21.51
CA GLY A 205 -2.46 9.14 20.71
C GLY A 205 -2.07 9.13 19.24
N ASN A 206 -0.91 9.71 18.92
CA ASN A 206 -0.46 9.84 17.54
CA ASN A 206 -0.42 9.85 17.54
C ASN A 206 0.57 8.77 17.13
N LYS A 207 0.89 7.86 18.04
N LYS A 207 0.88 7.85 18.05
CA LYS A 207 1.74 6.70 17.73
CA LYS A 207 1.71 6.70 17.74
C LYS A 207 1.11 5.44 18.32
C LYS A 207 1.08 5.45 18.32
N VAL A 208 0.78 4.51 17.46
CA VAL A 208 0.01 3.31 17.82
C VAL A 208 0.72 2.09 17.27
N ALA A 209 0.78 1.01 18.05
CA ALA A 209 1.39 -0.18 17.54
C ALA A 209 0.70 -1.43 18.09
N LEU A 210 0.64 -2.46 17.27
CA LEU A 210 0.21 -3.77 17.74
C LEU A 210 1.49 -4.50 18.21
N GLU A 211 1.68 -4.61 19.53
CA GLU A 211 2.83 -5.29 20.10
C GLU A 211 2.52 -6.77 20.24
N GLY A 212 3.54 -7.59 20.33
CA GLY A 212 3.39 -9.02 20.48
C GLY A 212 3.61 -9.83 19.24
N ALA A 213 3.27 -11.11 19.32
CA ALA A 213 3.65 -12.07 18.32
C ALA A 213 3.09 -11.76 16.93
N VAL A 214 1.82 -11.34 16.87
CA VAL A 214 1.19 -11.06 15.58
C VAL A 214 1.87 -9.85 14.96
N GLY A 215 2.02 -8.78 15.73
CA GLY A 215 2.71 -7.58 15.22
C GLY A 215 4.14 -7.86 14.76
N LEU A 216 4.88 -8.60 15.57
CA LEU A 216 6.26 -8.92 15.20
C LEU A 216 6.31 -9.83 13.99
N ALA A 217 5.51 -10.88 13.99
CA ALA A 217 5.44 -11.78 12.86
C ALA A 217 5.03 -11.09 11.59
N SER A 218 4.15 -10.10 11.67
CA SER A 218 3.71 -9.32 10.50
C SER A 218 4.94 -8.67 9.85
N THR A 219 5.78 -8.05 10.67
CA THR A 219 6.95 -7.38 10.17
C THR A 219 7.92 -8.39 9.55
N LEU A 220 8.16 -9.51 10.22
CA LEU A 220 9.11 -10.52 9.74
C LEU A 220 8.59 -11.09 8.46
N ALA A 221 7.29 -11.41 8.39
CA ALA A 221 6.76 -12.01 7.18
C ALA A 221 6.92 -11.11 5.96
N GLU A 222 6.69 -9.82 6.16
CA GLU A 222 6.92 -8.88 5.08
C GLU A 222 8.41 -8.80 4.69
N ILE A 223 9.30 -8.88 5.67
CA ILE A 223 10.72 -8.89 5.33
C ILE A 223 11.06 -10.12 4.45
N PHE A 224 10.53 -11.30 4.77
CA PHE A 224 10.80 -12.46 3.94
C PHE A 224 10.28 -12.23 2.52
N LEU A 225 9.09 -11.65 2.39
CA LEU A 225 8.55 -11.39 1.08
C LEU A 225 9.46 -10.43 0.31
N LEU A 226 9.95 -9.42 1.03
CA LEU A 226 10.88 -8.46 0.42
C LEU A 226 12.17 -9.12 -0.02
N GLU A 227 12.70 -10.03 0.80
CA GLU A 227 13.92 -10.76 0.43
C GLU A 227 13.69 -11.52 -0.89
N HIS A 228 12.52 -12.15 -0.96
CA HIS A 228 12.14 -12.90 -2.14
C HIS A 228 11.98 -12.04 -3.39
N ALA A 229 11.32 -10.92 -3.19
CA ALA A 229 11.12 -9.96 -4.27
C ALA A 229 12.42 -9.31 -4.75
N GLN A 230 13.41 -9.24 -3.85
CA GLN A 230 14.74 -8.72 -4.10
C GLN A 230 15.64 -9.76 -4.77
N GLY A 231 15.16 -11.00 -4.83
CA GLY A 231 15.94 -12.08 -5.38
C GLY A 231 17.15 -12.47 -4.58
N MET A 232 17.06 -12.33 -3.26
CA MET A 232 18.15 -12.80 -2.41
CA MET A 232 18.17 -12.75 -2.41
C MET A 232 18.29 -14.30 -2.55
N PRO A 233 19.53 -14.81 -2.50
CA PRO A 233 19.78 -16.25 -2.68
C PRO A 233 19.24 -17.07 -1.54
N LYS A 234 19.18 -16.49 -0.33
CA LYS A 234 18.53 -17.16 0.80
C LYS A 234 17.44 -16.30 1.42
N VAL A 235 16.20 -16.78 1.28
CA VAL A 235 15.01 -16.15 1.84
C VAL A 235 14.64 -16.91 3.09
N ALA A 236 14.55 -16.21 4.19
CA ALA A 236 14.19 -16.84 5.44
C ALA A 236 15.03 -18.10 5.67
N TRP A 237 16.33 -17.99 5.41
CA TRP A 237 17.28 -19.08 5.66
C TRP A 237 16.92 -20.42 5.01
N GLY A 238 16.23 -20.33 3.87
CA GLY A 238 15.78 -21.48 3.14
C GLY A 238 14.57 -22.20 3.73
N ASN A 239 13.85 -21.58 4.66
CA ASN A 239 12.81 -22.25 5.40
C ASN A 239 11.38 -22.05 4.91
N ILE A 240 11.19 -21.35 3.79
CA ILE A 240 9.85 -21.21 3.17
C ILE A 240 9.89 -21.98 1.85
N HIS A 241 9.07 -23.02 1.78
CA HIS A 241 9.12 -23.99 0.68
C HIS A 241 7.87 -23.97 -0.20
N THR A 242 6.72 -23.57 0.35
CA THR A 242 5.46 -23.75 -0.35
C THR A 242 4.59 -22.51 -0.36
N GLU A 243 3.68 -22.47 -1.33
CA GLU A 243 2.69 -21.43 -1.41
C GLU A 243 1.84 -21.33 -0.12
N GLN A 244 1.46 -22.50 0.41
CA GLN A 244 0.69 -22.53 1.65
C GLN A 244 1.44 -21.86 2.77
N GLN A 245 2.75 -22.06 2.84
CA GLN A 245 3.55 -21.41 3.90
C GLN A 245 3.61 -19.92 3.68
N TRP A 246 3.86 -19.46 2.46
CA TRP A 246 3.82 -18.03 2.18
C TRP A 246 2.48 -17.46 2.59
N ASN A 247 1.39 -18.13 2.25
CA ASN A 247 0.08 -17.57 2.58
C ASN A 247 -0.14 -17.52 4.06
N SER A 248 0.30 -18.54 4.77
CA SER A 248 0.10 -18.60 6.21
C SER A 248 0.90 -17.52 6.91
N LEU A 249 2.13 -17.27 6.49
CA LEU A 249 2.91 -16.20 7.12
C LEU A 249 2.35 -14.81 6.81
N LEU A 250 1.96 -14.58 5.56
CA LEU A 250 1.46 -13.25 5.20
C LEU A 250 0.07 -13.01 5.77
N LYS A 251 -0.65 -14.06 6.16
CA LYS A 251 -1.92 -13.91 6.86
C LYS A 251 -1.74 -13.02 8.08
N LEU A 252 -0.63 -13.17 8.76
CA LEU A 252 -0.35 -12.37 9.96
C LEU A 252 -0.14 -10.92 9.60
N HIS A 253 0.57 -10.67 8.49
CA HIS A 253 0.81 -9.32 8.05
C HIS A 253 -0.49 -8.67 7.62
N ASN A 254 -1.32 -9.39 6.85
CA ASN A 254 -2.57 -8.79 6.39
C ASN A 254 -3.51 -8.52 7.55
N ALA A 255 -3.43 -9.33 8.59
CA ALA A 255 -4.27 -9.13 9.77
C ALA A 255 -3.83 -7.88 10.52
N GLN A 256 -2.53 -7.71 10.71
CA GLN A 256 -2.00 -6.52 11.35
C GLN A 256 -2.45 -5.27 10.62
N PHE A 257 -2.42 -5.32 9.28
CA PHE A 257 -2.85 -4.19 8.48
C PHE A 257 -4.33 -3.95 8.57
N ASP A 258 -5.14 -4.99 8.62
CA ASP A 258 -6.58 -4.81 8.80
C ASP A 258 -6.85 -4.05 10.09
N LEU A 259 -6.15 -4.43 11.16
CA LEU A 259 -6.40 -3.85 12.44
C LEU A 259 -5.83 -2.45 12.62
N MET A 260 -4.62 -2.24 12.13
N MET A 260 -4.61 -2.25 12.14
CA MET A 260 -3.88 -1.02 12.43
CA MET A 260 -3.86 -1.02 12.40
C MET A 260 -3.99 0.03 11.32
C MET A 260 -4.10 0.05 11.37
N SER A 261 -4.48 -0.36 10.16
CA SER A 261 -4.66 0.56 9.05
C SER A 261 -6.04 0.57 8.40
N ARG A 262 -6.77 -0.53 8.39
CA ARG A 262 -8.11 -0.53 7.79
C ARG A 262 -9.22 -0.13 8.73
N THR A 263 -9.05 -0.40 10.00
CA THR A 263 -10.02 0.04 11.02
C THR A 263 -10.55 1.45 10.73
N PRO A 264 -11.86 1.64 10.49
CA PRO A 264 -12.30 2.94 9.95
C PRO A 264 -11.87 4.18 10.77
N TYR A 265 -11.94 4.10 12.08
CA TYR A 265 -11.54 5.27 12.90
C TYR A 265 -10.12 5.69 12.60
N ILE A 266 -9.23 4.73 12.52
CA ILE A 266 -7.84 5.03 12.26
C ILE A 266 -7.71 5.45 10.79
N ALA A 267 -8.30 4.68 9.88
CA ALA A 267 -8.15 4.89 8.46
C ALA A 267 -8.61 6.33 8.08
N LYS A 268 -9.68 6.84 8.67
CA LYS A 268 -10.14 8.17 8.26
C LYS A 268 -9.26 9.26 8.80
N HIS A 269 -8.58 9.04 9.93
CA HIS A 269 -7.67 10.06 10.48
C HIS A 269 -6.41 10.11 9.65
N ASN A 270 -5.95 8.98 9.12
CA ASN A 270 -4.70 8.93 8.37
C ASN A 270 -4.91 9.12 6.88
N GLY A 271 -6.14 8.86 6.42
CA GLY A 271 -6.46 8.77 5.02
C GLY A 271 -7.27 9.88 4.40
N THR A 272 -7.79 10.78 5.22
CA THR A 272 -8.68 11.84 4.72
C THR A 272 -8.01 12.68 3.63
N PRO A 273 -6.79 13.20 3.87
CA PRO A 273 -6.20 14.00 2.80
C PRO A 273 -6.07 13.26 1.49
N LEU A 274 -5.64 12.03 1.52
CA LEU A 274 -5.48 11.31 0.29
C LEU A 274 -6.81 11.03 -0.38
N LEU A 275 -7.80 10.62 0.39
CA LEU A 275 -9.08 10.32 -0.25
C LEU A 275 -9.67 11.59 -0.85
N GLN A 276 -9.58 12.72 -0.16
CA GLN A 276 -10.09 13.94 -0.73
C GLN A 276 -9.34 14.30 -2.03
N THR A 277 -8.02 14.17 -2.01
CA THR A 277 -7.20 14.45 -3.18
C THR A 277 -7.57 13.56 -4.38
N ILE A 278 -7.72 12.28 -4.11
CA ILE A 278 -8.11 11.32 -5.15
C ILE A 278 -9.48 11.66 -5.73
N ALA A 279 -10.44 11.90 -4.85
CA ALA A 279 -11.78 12.23 -5.29
C ALA A 279 -11.80 13.52 -6.12
N HIS A 280 -11.14 14.56 -5.63
CA HIS A 280 -11.04 15.79 -6.35
C HIS A 280 -10.43 15.59 -7.75
N ALA A 281 -9.39 14.75 -7.81
CA ALA A 281 -8.67 14.50 -9.08
C ALA A 281 -9.58 13.76 -10.06
N LEU A 282 -10.55 12.99 -9.53
CA LEU A 282 -11.49 12.24 -10.37
C LEU A 282 -12.67 13.06 -10.82
N GLY A 283 -12.80 14.25 -10.23
CA GLY A 283 -13.86 15.20 -10.63
C GLY A 283 -14.90 15.54 -9.57
N SER A 284 -14.75 15.07 -8.33
CA SER A 284 -15.67 15.45 -7.28
C SER A 284 -15.58 16.92 -6.99
N ASN A 285 -16.75 17.54 -6.80
CA ASN A 285 -16.87 18.98 -6.65
C ASN A 285 -16.66 19.38 -5.20
N ILE A 286 -15.39 19.28 -4.79
CA ILE A 286 -15.01 19.51 -3.42
C ILE A 286 -13.76 20.37 -3.31
N THR A 287 -13.53 20.84 -2.10
CA THR A 287 -12.34 21.59 -1.76
C THR A 287 -11.24 20.61 -1.37
N SER A 288 -10.07 20.77 -1.99
CA SER A 288 -8.92 19.93 -1.71
C SER A 288 -7.66 20.74 -1.98
N ARG A 289 -6.65 20.57 -1.14
CA ARG A 289 -5.41 21.33 -1.29
C ARG A 289 -4.81 21.02 -2.63
N PRO A 290 -4.58 22.06 -3.45
CA PRO A 290 -4.08 21.72 -4.79
C PRO A 290 -2.65 21.22 -4.77
N LEU A 291 -2.34 20.31 -5.68
CA LEU A 291 -0.96 19.81 -5.87
C LEU A 291 -0.26 20.88 -6.67
N PRO A 292 0.92 21.30 -6.22
CA PRO A 292 1.55 22.44 -6.89
C PRO A 292 1.93 22.15 -8.33
N ASP A 293 1.59 23.08 -9.22
CA ASP A 293 2.03 22.97 -10.60
CA ASP A 293 1.89 23.07 -10.65
C ASP A 293 1.33 21.87 -11.41
N ILE A 294 0.21 21.30 -10.93
CA ILE A 294 -0.47 20.27 -11.70
C ILE A 294 -1.31 20.95 -12.76
N SER A 295 -1.40 20.35 -13.94
CA SER A 295 -2.15 20.94 -15.05
C SER A 295 -3.61 20.61 -14.92
N PRO A 296 -4.47 21.56 -15.29
CA PRO A 296 -5.86 21.22 -15.48
C PRO A 296 -6.11 20.10 -16.52
N ASP A 297 -5.16 19.83 -17.42
CA ASP A 297 -5.29 18.83 -18.47
C ASP A 297 -4.60 17.50 -18.06
N ASN A 298 -4.33 17.35 -16.77
CA ASN A 298 -3.65 16.15 -16.28
C ASN A 298 -4.50 14.93 -16.58
N LYS A 299 -3.84 13.88 -17.08
CA LYS A 299 -4.49 12.61 -17.39
C LYS A 299 -4.09 11.47 -16.43
N ILE A 300 -2.87 11.52 -15.91
CA ILE A 300 -2.37 10.50 -15.04
C ILE A 300 -1.72 11.18 -13.83
N LEU A 301 -2.25 10.88 -12.66
CA LEU A 301 -1.75 11.36 -11.38
C LEU A 301 -1.25 10.12 -10.64
N PHE A 302 0.06 10.01 -10.42
CA PHE A 302 0.67 8.91 -9.72
C PHE A 302 1.15 9.44 -8.36
N ILE A 303 0.71 8.78 -7.29
CA ILE A 303 0.98 9.16 -5.95
C ILE A 303 1.78 8.05 -5.32
N ALA A 304 3.03 8.34 -4.94
CA ALA A 304 3.94 7.33 -4.44
C ALA A 304 3.98 7.40 -2.92
N GLY A 305 3.33 6.39 -2.32
CA GLY A 305 3.18 6.29 -0.88
C GLY A 305 3.56 4.93 -0.31
N HIS A 306 2.75 4.49 0.66
CA HIS A 306 3.10 3.41 1.58
C HIS A 306 1.95 2.42 1.66
N ASP A 307 2.29 1.21 2.08
CA ASP A 307 1.23 0.21 2.29
C ASP A 307 0.13 0.71 3.21
N THR A 308 0.48 1.42 4.26
CA THR A 308 -0.53 1.93 5.16
C THR A 308 -1.53 2.87 4.50
N ASN A 309 -1.09 3.63 3.50
CA ASN A 309 -1.95 4.56 2.78
C ASN A 309 -3.00 3.79 1.98
N ILE A 310 -2.56 2.76 1.29
CA ILE A 310 -3.49 1.93 0.51
C ILE A 310 -4.49 1.28 1.49
N ALA A 311 -4.00 0.78 2.61
CA ALA A 311 -4.90 0.12 3.59
C ALA A 311 -5.87 1.13 4.17
N ASN A 312 -5.41 2.34 4.44
CA ASN A 312 -6.33 3.36 4.96
C ASN A 312 -7.46 3.65 3.97
N ILE A 313 -7.11 3.82 2.71
CA ILE A 313 -8.11 4.14 1.67
C ILE A 313 -9.06 2.97 1.53
N SER A 314 -8.53 1.76 1.58
CA SER A 314 -9.40 0.57 1.52
C SER A 314 -10.38 0.56 2.69
N GLY A 315 -9.96 0.88 3.89
CA GLY A 315 -10.86 0.91 5.03
C GLY A 315 -11.92 1.98 4.91
N MET A 316 -11.53 3.18 4.43
CA MET A 316 -12.49 4.28 4.27
C MET A 316 -13.59 3.95 3.26
N LEU A 317 -13.21 3.27 2.17
CA LEU A 317 -14.14 2.90 1.10
C LEU A 317 -14.73 1.48 1.28
N GLY A 318 -14.36 0.79 2.36
CA GLY A 318 -14.87 -0.57 2.61
C GLY A 318 -14.43 -1.60 1.58
N MET A 319 -13.32 -1.37 0.89
CA MET A 319 -12.85 -2.29 -0.20
C MET A 319 -11.97 -3.36 0.41
N THR A 320 -12.21 -4.61 0.05
CA THR A 320 -11.38 -5.69 0.52
C THR A 320 -11.04 -6.51 -0.69
N TRP A 321 -9.93 -7.20 -0.63
CA TRP A 321 -9.45 -8.00 -1.74
C TRP A 321 -8.49 -9.05 -1.30
N THR A 322 -8.33 -10.05 -2.18
CA THR A 322 -7.18 -10.97 -2.13
CA THR A 322 -7.25 -11.02 -2.14
C THR A 322 -6.60 -10.99 -3.52
N LEU A 323 -5.28 -11.00 -3.59
CA LEU A 323 -4.60 -10.91 -4.87
C LEU A 323 -4.08 -12.27 -5.34
N PRO A 324 -4.64 -12.80 -6.45
CA PRO A 324 -4.10 -14.06 -6.96
C PRO A 324 -2.59 -13.99 -7.20
N GLY A 325 -1.88 -14.96 -6.69
CA GLY A 325 -0.44 -15.04 -6.87
C GLY A 325 0.40 -14.12 -6.02
N GLN A 326 -0.24 -13.42 -5.09
CA GLN A 326 0.47 -12.41 -4.28
C GLN A 326 -0.08 -12.45 -2.84
N PRO A 327 0.65 -13.06 -1.92
CA PRO A 327 0.15 -13.19 -0.56
C PRO A 327 0.05 -11.91 0.24
N ASP A 328 0.80 -10.88 -0.09
CA ASP A 328 0.68 -9.59 0.59
C ASP A 328 -0.46 -8.78 -0.08
N ASN A 329 -1.46 -8.33 0.67
CA ASN A 329 -2.55 -7.52 0.11
C ASN A 329 -2.09 -6.16 -0.36
N THR A 330 -0.95 -5.72 0.14
CA THR A 330 -0.39 -4.38 -0.19
C THR A 330 1.06 -4.58 -0.61
N PRO A 331 1.31 -5.23 -1.74
CA PRO A 331 2.65 -5.60 -2.11
C PRO A 331 3.50 -4.45 -2.66
N PRO A 332 4.81 -4.61 -2.69
CA PRO A 332 5.68 -3.55 -3.22
C PRO A 332 5.32 -3.24 -4.66
N GLY A 333 5.16 -1.94 -4.93
CA GLY A 333 4.71 -1.47 -6.20
C GLY A 333 3.24 -1.72 -6.54
N GLY A 334 2.50 -2.35 -5.64
CA GLY A 334 1.05 -2.54 -5.88
C GLY A 334 0.32 -1.24 -5.70
N ALA A 335 -0.72 -1.01 -6.49
CA ALA A 335 -1.35 0.25 -6.49
C ALA A 335 -2.88 0.14 -6.64
N LEU A 336 -3.59 1.04 -5.97
CA LEU A 336 -4.97 1.26 -6.30
C LEU A 336 -5.04 2.21 -7.48
N VAL A 337 -5.70 1.78 -8.52
CA VAL A 337 -5.84 2.55 -9.74
C VAL A 337 -7.30 2.92 -9.85
N PHE A 338 -7.54 4.20 -9.72
CA PHE A 338 -8.87 4.80 -9.82
C PHE A 338 -9.02 5.41 -11.20
N GLU A 339 -10.05 4.99 -11.96
CA GLU A 339 -10.26 5.41 -13.35
C GLU A 339 -11.54 6.16 -13.43
N ARG A 340 -11.48 7.32 -14.05
CA ARG A 340 -12.66 8.12 -14.38
C ARG A 340 -13.05 7.82 -15.80
N TRP A 341 -14.19 7.16 -15.97
CA TRP A 341 -14.74 6.78 -17.26
C TRP A 341 -15.97 7.61 -17.51
N VAL A 342 -16.25 7.93 -18.77
CA VAL A 342 -17.58 8.53 -19.10
CA VAL A 342 -17.49 8.57 -19.10
C VAL A 342 -18.17 7.71 -20.19
N ASP A 343 -19.47 7.51 -20.12
CA ASP A 343 -20.19 6.81 -21.20
C ASP A 343 -20.52 7.75 -22.32
N ASN A 344 -21.16 7.25 -23.37
CA ASN A 344 -21.45 8.09 -24.49
C ASN A 344 -22.57 9.11 -24.27
N ALA A 345 -23.21 9.09 -23.10
CA ALA A 345 -24.11 10.17 -22.71
C ALA A 345 -23.43 11.15 -21.78
N GLY A 346 -22.14 10.98 -21.60
CA GLY A 346 -21.33 11.87 -20.77
C GLY A 346 -21.47 11.70 -19.27
N LYS A 347 -22.07 10.60 -18.82
CA LYS A 347 -22.12 10.31 -17.39
C LYS A 347 -20.76 9.78 -16.90
N PRO A 348 -20.21 10.36 -15.78
CA PRO A 348 -18.95 9.88 -15.24
C PRO A 348 -19.12 8.81 -14.18
N TYR A 349 -18.20 7.87 -14.23
CA TYR A 349 -18.09 6.79 -13.28
C TYR A 349 -16.67 6.66 -12.82
N VAL A 350 -16.51 6.01 -11.68
CA VAL A 350 -15.20 5.61 -11.16
C VAL A 350 -15.13 4.10 -11.11
N SER A 351 -14.08 3.52 -11.65
CA SER A 351 -13.71 2.13 -11.44
CA SER A 351 -13.75 2.14 -11.35
C SER A 351 -12.46 2.08 -10.56
N VAL A 352 -12.31 1.02 -9.78
CA VAL A 352 -11.10 0.87 -8.96
C VAL A 352 -10.53 -0.52 -9.12
N ASN A 353 -9.25 -0.61 -9.42
CA ASN A 353 -8.55 -1.89 -9.48
C ASN A 353 -7.32 -1.87 -8.60
N MET A 354 -6.99 -3.02 -8.05
CA MET A 354 -5.68 -3.22 -7.42
CA MET A 354 -5.70 -3.22 -7.40
C MET A 354 -4.79 -3.84 -8.46
N VAL A 355 -3.72 -3.14 -8.83
CA VAL A 355 -2.82 -3.62 -9.90
C VAL A 355 -1.46 -3.88 -9.28
N TYR A 356 -0.89 -5.02 -9.60
CA TYR A 356 0.27 -5.55 -8.86
C TYR A 356 1.04 -6.59 -9.60
N GLN A 357 2.29 -6.75 -9.18
CA GLN A 357 3.09 -7.88 -9.56
C GLN A 357 2.84 -9.05 -8.61
N THR A 358 2.63 -10.21 -9.19
CA THR A 358 2.61 -11.45 -8.43
C THR A 358 3.95 -11.67 -7.75
N LEU A 359 3.95 -12.54 -6.75
CA LEU A 359 5.19 -12.87 -6.09
C LEU A 359 6.25 -13.39 -7.08
N ALA A 360 5.81 -14.21 -8.02
CA ALA A 360 6.67 -14.74 -9.08
C ALA A 360 7.17 -13.61 -10.01
N GLN A 361 6.27 -12.68 -10.36
CA GLN A 361 6.67 -11.58 -11.24
C GLN A 361 7.75 -10.74 -10.59
N LEU A 362 7.65 -10.53 -9.28
CA LEU A 362 8.68 -9.83 -8.56
C LEU A 362 9.97 -10.64 -8.54
N HIS A 363 9.89 -11.90 -8.13
CA HIS A 363 11.06 -12.73 -7.97
C HIS A 363 11.83 -12.96 -9.28
N ASP A 364 11.07 -13.11 -10.37
CA ASP A 364 11.63 -13.34 -11.68
C ASP A 364 11.90 -12.04 -12.48
N GLN A 365 11.47 -10.90 -11.94
CA GLN A 365 11.58 -9.61 -12.65
C GLN A 365 10.95 -9.70 -14.05
N ALA A 366 9.73 -10.24 -14.08
CA ALA A 366 9.06 -10.51 -15.32
C ALA A 366 8.72 -9.24 -16.07
N PRO A 367 9.05 -9.16 -17.37
CA PRO A 367 8.47 -8.09 -18.21
C PRO A 367 6.94 -8.13 -18.10
N LEU A 368 6.32 -6.97 -18.06
CA LEU A 368 4.89 -6.83 -17.94
C LEU A 368 4.37 -6.14 -19.20
N THR A 369 3.48 -6.80 -19.92
CA THR A 369 2.98 -6.28 -21.19
C THR A 369 1.49 -6.59 -21.24
N LEU A 370 0.76 -6.10 -22.25
CA LEU A 370 -0.65 -6.48 -22.35
C LEU A 370 -0.81 -7.98 -22.57
N GLN A 371 0.13 -8.59 -23.27
CA GLN A 371 0.12 -10.04 -23.55
C GLN A 371 0.48 -10.83 -22.30
N HIS A 372 1.32 -10.24 -21.43
CA HIS A 372 1.80 -10.88 -20.21
C HIS A 372 1.65 -9.91 -19.07
N PRO A 373 0.42 -9.72 -18.59
CA PRO A 373 0.13 -8.54 -17.83
C PRO A 373 0.47 -8.63 -16.34
N ALA A 374 0.56 -7.48 -15.70
CA ALA A 374 0.48 -7.41 -14.21
C ALA A 374 -0.84 -8.02 -13.76
N GLY A 375 -0.88 -8.44 -12.51
CA GLY A 375 -2.14 -8.82 -11.88
C GLY A 375 -3.02 -7.61 -11.72
N SER A 376 -4.33 -7.85 -11.76
CA SER A 376 -5.29 -6.77 -11.54
CA SER A 376 -5.29 -6.79 -11.53
C SER A 376 -6.55 -7.39 -10.98
N VAL A 377 -7.08 -6.79 -9.92
CA VAL A 377 -8.34 -7.23 -9.31
C VAL A 377 -9.28 -6.04 -9.34
N ARG A 378 -10.45 -6.20 -9.93
CA ARG A 378 -11.46 -5.17 -9.96
CA ARG A 378 -11.47 -5.18 -9.96
C ARG A 378 -12.17 -5.17 -8.61
N LEU A 379 -12.34 -4.00 -8.03
CA LEU A 379 -12.89 -3.86 -6.68
C LEU A 379 -14.32 -3.43 -6.58
N ASN A 380 -15.00 -4.06 -5.64
CA ASN A 380 -16.33 -3.71 -5.21
C ASN A 380 -16.24 -2.64 -4.15
N ILE A 381 -17.07 -1.63 -4.27
CA ILE A 381 -17.26 -0.61 -3.24
C ILE A 381 -18.61 -0.87 -2.59
N PRO A 382 -18.62 -1.42 -1.37
CA PRO A 382 -19.93 -1.89 -0.88
C PRO A 382 -20.95 -0.80 -0.68
N GLY A 383 -20.52 0.40 -0.33
CA GLY A 383 -21.45 1.46 -0.17
C GLY A 383 -22.05 1.98 -1.46
N CYS A 384 -21.41 1.65 -2.59
CA CYS A 384 -21.87 2.08 -3.94
C CYS A 384 -22.87 1.03 -4.43
N SER A 385 -24.09 1.15 -3.95
CA SER A 385 -25.12 0.15 -4.25
C SER A 385 -25.65 0.27 -5.70
N ASP A 386 -25.27 1.34 -6.37
CA ASP A 386 -25.54 1.51 -7.81
C ASP A 386 -24.37 1.09 -8.71
N GLN A 387 -23.31 0.52 -8.14
CA GLN A 387 -22.14 0.08 -8.92
C GLN A 387 -22.60 -1.02 -9.87
N THR A 388 -22.19 -0.93 -11.12
CA THR A 388 -22.65 -1.84 -12.13
C THR A 388 -21.94 -3.19 -11.95
N PRO A 389 -22.53 -4.25 -12.56
CA PRO A 389 -21.91 -5.55 -12.39
C PRO A 389 -20.51 -5.58 -12.94
N ASP A 390 -20.24 -4.73 -13.94
CA ASP A 390 -18.89 -4.62 -14.51
C ASP A 390 -18.02 -3.56 -13.84
N GLY A 391 -18.47 -3.07 -12.68
CA GLY A 391 -17.55 -2.42 -11.76
C GLY A 391 -17.54 -0.92 -11.68
N TYR A 392 -18.43 -0.27 -12.43
CA TYR A 392 -18.44 1.19 -12.53
C TYR A 392 -19.36 1.81 -11.48
N CYS A 393 -18.79 2.66 -10.65
CA CYS A 393 -19.52 3.38 -9.62
C CYS A 393 -19.84 4.78 -10.14
N PRO A 394 -21.10 5.21 -10.23
CA PRO A 394 -21.36 6.60 -10.64
C PRO A 394 -20.54 7.60 -9.81
N LEU A 395 -19.87 8.55 -10.46
CA LEU A 395 -19.04 9.49 -9.74
C LEU A 395 -19.86 10.25 -8.69
N SER A 396 -21.12 10.58 -9.00
CA SER A 396 -21.96 11.30 -8.07
C SER A 396 -22.16 10.48 -6.80
N THR A 397 -22.26 9.17 -6.92
CA THR A 397 -22.33 8.33 -5.74
C THR A 397 -20.98 8.22 -5.03
N PHE A 398 -19.91 8.00 -5.78
CA PHE A 398 -18.56 7.91 -5.22
C PHE A 398 -18.28 9.15 -4.38
N SER A 399 -18.60 10.32 -4.90
CA SER A 399 -18.38 11.59 -4.19
C SER A 399 -19.09 11.61 -2.86
N ARG A 400 -20.32 11.10 -2.83
CA ARG A 400 -21.12 11.16 -1.61
C ARG A 400 -20.52 10.19 -0.59
N LEU A 401 -20.08 9.02 -1.05
CA LEU A 401 -19.39 8.07 -0.19
C LEU A 401 -18.12 8.66 0.45
N VAL A 402 -17.32 9.36 -0.34
CA VAL A 402 -16.15 10.04 0.16
C VAL A 402 -16.56 11.07 1.20
N SER A 403 -17.56 11.89 0.92
CA SER A 403 -17.99 12.94 1.82
C SER A 403 -18.42 12.42 3.19
N HIS A 404 -18.96 11.20 3.22
CA HIS A 404 -19.40 10.58 4.48
C HIS A 404 -18.28 9.81 5.16
N SER A 405 -17.20 9.46 4.46
CA SER A 405 -16.12 8.69 5.08
C SER A 405 -14.96 9.54 5.65
N VAL A 406 -14.79 10.74 5.12
CA VAL A 406 -13.72 11.60 5.59
C VAL A 406 -14.00 12.08 6.99
N GLU A 407 -12.90 12.40 7.67
CA GLU A 407 -12.95 13.10 8.95
C GLU A 407 -12.70 14.58 8.72
N PRO A 408 -13.70 15.43 8.94
CA PRO A 408 -13.49 16.84 8.63
C PRO A 408 -12.31 17.48 9.36
N ALA A 409 -12.02 17.07 10.60
CA ALA A 409 -10.87 17.63 11.33
C ALA A 409 -9.53 17.32 10.69
N CYS A 410 -9.49 16.34 9.78
CA CYS A 410 -8.27 15.88 9.18
C CYS A 410 -8.09 16.34 7.75
N GLN A 411 -8.99 17.22 7.28
CA GLN A 411 -8.83 17.86 5.98
C GLN A 411 -7.65 18.83 6.02
N LEU A 412 -6.92 18.90 4.90
CA LEU A 412 -5.78 19.82 4.84
C LEU A 412 -6.27 21.26 4.87
N PRO A 413 -5.71 22.07 5.79
CA PRO A 413 -6.17 23.43 6.01
C PRO A 413 -6.00 24.31 4.81
#